data_7AZ1
#
_entry.id   7AZ1
#
_cell.length_a   82.254
_cell.length_b   111.748
_cell.length_c   62.456
_cell.angle_alpha   90.000
_cell.angle_beta   90.000
_cell.angle_gamma   90.000
#
_symmetry.space_group_name_H-M   'C 2 2 21'
#
loop_
_entity.id
_entity.type
_entity.pdbx_description
1 polymer '14-3-3 protein sigma'
2 polymer 'Peptidyl-prolyl cis-trans isomerase NIMA-interacting 1'
3 non-polymer 1-[4-methyl-3-(trifluoromethyl)phenyl]-2-phenyl-imidazole
4 non-polymer 'CALCIUM ION'
5 non-polymer 'CHLORIDE ION'
6 water water
#
loop_
_entity_poly.entity_id
_entity_poly.type
_entity_poly.pdbx_seq_one_letter_code
_entity_poly.pdbx_strand_id
1 'polypeptide(L)'
;AMGSMERASLIQKAKLAEQAERYEDMAAFMKGAVEKGEELS(CSO)EERNLLSVAYKNVVGGQRAAWRVLSSIEQKSNEE
GSEEKGPEVREYREKVETELQGVCDTVLGLLDSHLIKEAGDAESRVFYLKMKGDYYRYLAEVATGDDKKRIIDSARSAYQ
EAMDISKKEMPPTNPIRLGLALNFSVFHYEIANSPEEAISLAKTTFDEAMADLHTLSEDSYKDSTLIMQLLRDNLTLWTA
DNAGEEGGEAPQEPQS
;
A
2 'polypeptide(L)' LVKHSQSRRPS(SEP)WRQEK P
#
loop_
_chem_comp.id
_chem_comp.type
_chem_comp.name
_chem_comp.formula
CA non-polymer 'CALCIUM ION' 'Ca 2'
CL non-polymer 'CHLORIDE ION' 'Cl -1'
SGH non-polymer 1-[4-methyl-3-(trifluoromethyl)phenyl]-2-phenyl-imidazole 'C17 H13 F3 N2'
#
# COMPACT_ATOMS: atom_id res chain seq x y z
N ALA A 1 -15.63 17.31 -6.72
CA ALA A 1 -15.40 18.70 -6.37
C ALA A 1 -14.28 19.31 -7.21
N MET A 2 -13.49 18.44 -7.84
CA MET A 2 -12.40 18.87 -8.72
C MET A 2 -12.79 18.86 -10.19
N GLY A 3 -14.07 18.64 -10.49
CA GLY A 3 -14.49 18.49 -11.87
C GLY A 3 -14.22 19.71 -12.74
N SER A 4 -14.17 20.89 -12.14
CA SER A 4 -13.97 22.11 -12.92
C SER A 4 -12.50 22.50 -13.08
N MET A 5 -11.57 21.78 -12.46
CA MET A 5 -10.16 22.12 -12.57
C MET A 5 -9.50 21.29 -13.66
N GLU A 6 -8.63 21.94 -14.43
CA GLU A 6 -7.87 21.24 -15.48
C GLU A 6 -7.04 20.11 -14.89
N ARG A 7 -6.93 19.03 -15.65
CA ARG A 7 -6.07 17.91 -15.25
C ARG A 7 -4.67 18.38 -14.91
N ALA A 8 -4.06 19.21 -15.77
CA ALA A 8 -2.68 19.62 -15.54
C ALA A 8 -2.57 20.45 -14.27
N SER A 9 -3.59 21.27 -13.99
CA SER A 9 -3.59 22.07 -12.77
C SER A 9 -3.73 21.20 -11.53
N LEU A 10 -4.53 20.14 -11.61
CA LEU A 10 -4.64 19.21 -10.49
C LEU A 10 -3.31 18.55 -10.19
N ILE A 11 -2.59 18.13 -11.24
CA ILE A 11 -1.28 17.51 -11.05
C ILE A 11 -0.30 18.51 -10.46
N GLN A 12 -0.28 19.74 -10.98
CA GLN A 12 0.58 20.77 -10.45
C GLN A 12 0.30 21.02 -8.97
N LYS A 13 -0.98 21.11 -8.62
CA LYS A 13 -1.34 21.37 -7.23
C LYS A 13 -1.05 20.16 -6.34
N ALA A 14 -1.16 18.95 -6.87
CA ALA A 14 -0.75 17.79 -6.09
C ALA A 14 0.73 17.87 -5.71
N LYS A 15 1.56 18.33 -6.65
CA LYS A 15 2.99 18.48 -6.36
C LYS A 15 3.24 19.58 -5.34
N LEU A 16 2.48 20.69 -5.42
CA LEU A 16 2.61 21.73 -4.41
C LEU A 16 2.14 21.23 -3.04
N ALA A 17 1.05 20.47 -3.02
CA ALA A 17 0.55 19.94 -1.76
C ALA A 17 1.57 19.01 -1.12
N GLU A 18 2.25 18.20 -1.94
CA GLU A 18 3.31 17.35 -1.41
C GLU A 18 4.41 18.18 -0.76
N GLN A 19 4.85 19.24 -1.44
CA GLN A 19 5.89 20.09 -0.88
C GLN A 19 5.45 20.73 0.43
N ALA A 20 4.16 21.06 0.53
CA ALA A 20 3.61 21.68 1.73
C ALA A 20 3.18 20.67 2.77
N GLU A 21 3.38 19.38 2.52
CA GLU A 21 2.97 18.31 3.42
C GLU A 21 1.48 18.35 3.72
N ARG A 22 0.69 18.66 2.70
CA ARG A 22 -0.77 18.73 2.78
C ARG A 22 -1.30 17.51 2.04
N TYR A 23 -1.22 16.35 2.70
CA TYR A 23 -1.46 15.10 1.98
C TYR A 23 -2.93 14.86 1.71
N GLU A 24 -3.83 15.34 2.56
N GLU A 24 -3.83 15.33 2.57
CA GLU A 24 -5.25 15.23 2.25
CA GLU A 24 -5.25 15.25 2.27
C GLU A 24 -5.59 16.03 1.00
C GLU A 24 -5.56 16.01 0.99
N ASP A 25 -5.06 17.25 0.88
CA ASP A 25 -5.24 18.02 -0.35
C ASP A 25 -4.63 17.28 -1.53
N MET A 26 -3.42 16.75 -1.35
CA MET A 26 -2.74 16.04 -2.42
C MET A 26 -3.59 14.89 -2.93
N ALA A 27 -4.18 14.12 -2.01
CA ALA A 27 -5.03 13.00 -2.41
C ALA A 27 -6.27 13.47 -3.15
N ALA A 28 -6.89 14.57 -2.69
CA ALA A 28 -8.07 15.09 -3.37
C ALA A 28 -7.73 15.56 -4.78
N PHE A 29 -6.58 16.21 -4.93
CA PHE A 29 -6.16 16.63 -6.27
C PHE A 29 -5.93 15.43 -7.17
N MET A 30 -5.27 14.39 -6.66
CA MET A 30 -4.98 13.22 -7.48
C MET A 30 -6.25 12.42 -7.79
N LYS A 31 -7.18 12.34 -6.85
CA LYS A 31 -8.48 11.74 -7.15
C LYS A 31 -9.16 12.49 -8.29
N GLY A 32 -9.16 13.82 -8.22
CA GLY A 32 -9.69 14.60 -9.33
C GLY A 32 -8.99 14.32 -10.64
N ALA A 33 -7.67 14.18 -10.62
CA ALA A 33 -6.94 13.86 -11.84
C ALA A 33 -7.34 12.49 -12.39
N VAL A 34 -7.42 11.48 -11.52
CA VAL A 34 -7.85 10.17 -11.99
C VAL A 34 -9.23 10.25 -12.62
N GLU A 35 -10.13 11.00 -12.00
CA GLU A 35 -11.51 11.07 -12.49
C GLU A 35 -11.63 11.79 -13.82
N LYS A 36 -10.57 12.41 -14.32
CA LYS A 36 -10.61 12.92 -15.69
C LYS A 36 -10.72 11.81 -16.72
N GLY A 37 -10.38 10.57 -16.33
CA GLY A 37 -10.60 9.43 -17.19
C GLY A 37 -9.43 9.01 -18.03
N GLU A 38 -8.35 9.78 -18.06
CA GLU A 38 -7.16 9.41 -18.79
C GLU A 38 -6.26 8.53 -17.93
N GLU A 39 -5.47 7.70 -18.59
CA GLU A 39 -4.47 6.92 -17.89
C GLU A 39 -3.47 7.85 -17.20
N LEU A 40 -2.78 7.33 -16.19
CA LEU A 40 -1.78 8.08 -15.44
C LEU A 40 -0.39 7.66 -15.90
N SER A 41 0.49 8.64 -16.01
CA SER A 41 1.90 8.39 -16.27
C SER A 41 2.58 7.82 -15.03
N CSO A 42 3.82 7.41 -15.18
CA CSO A 42 4.58 6.87 -14.08
CB CSO A 42 5.97 6.51 -14.61
SG CSO A 42 7.07 5.96 -13.33
C CSO A 42 4.66 7.87 -12.92
O CSO A 42 4.42 7.54 -11.76
OD CSO A 42 7.84 7.39 -12.57
N GLU A 43 4.99 9.11 -13.24
CA GLU A 43 5.10 10.14 -12.21
C GLU A 43 3.76 10.38 -11.52
N GLU A 44 2.69 10.39 -12.31
CA GLU A 44 1.37 10.62 -11.76
C GLU A 44 0.92 9.46 -10.87
N ARG A 45 1.23 8.22 -11.24
CA ARG A 45 0.94 7.09 -10.37
C ARG A 45 1.66 7.24 -9.04
N ASN A 46 2.92 7.69 -9.07
N ASN A 46 2.91 7.69 -9.08
CA ASN A 46 3.65 7.89 -7.84
CA ASN A 46 3.66 7.91 -7.85
C ASN A 46 2.99 8.96 -6.97
C ASN A 46 2.98 8.95 -6.97
N LEU A 47 2.50 10.05 -7.57
CA LEU A 47 1.82 11.07 -6.78
C LEU A 47 0.56 10.52 -6.13
N LEU A 48 -0.22 9.73 -6.88
CA LEU A 48 -1.42 9.11 -6.33
C LEU A 48 -1.07 8.25 -5.14
N SER A 49 -0.03 7.43 -5.29
CA SER A 49 0.37 6.52 -4.23
C SER A 49 0.86 7.27 -3.00
N VAL A 50 1.73 8.26 -3.19
CA VAL A 50 2.26 9.01 -2.05
C VAL A 50 1.14 9.68 -1.28
N ALA A 51 0.19 10.27 -1.99
CA ALA A 51 -0.87 11.02 -1.33
C ALA A 51 -1.68 10.11 -0.42
N TYR A 52 -2.19 9.01 -0.97
CA TYR A 52 -3.05 8.15 -0.18
C TYR A 52 -2.29 7.37 0.87
N LYS A 53 -1.04 7.00 0.59
N LYS A 53 -1.03 7.00 0.60
CA LYS A 53 -0.25 6.30 1.61
CA LYS A 53 -0.27 6.29 1.63
C LYS A 53 -0.05 7.18 2.84
C LYS A 53 -0.03 7.17 2.85
N ASN A 54 0.16 8.47 2.64
CA ASN A 54 0.33 9.38 3.77
C ASN A 54 -1.00 9.59 4.50
N VAL A 55 -2.10 9.75 3.78
CA VAL A 55 -3.39 9.90 4.45
C VAL A 55 -3.72 8.65 5.26
N VAL A 56 -3.69 7.48 4.63
N VAL A 56 -3.72 7.49 4.62
CA VAL A 56 -4.08 6.27 5.34
CA VAL A 56 -4.07 6.27 5.35
C VAL A 56 -3.04 5.91 6.39
C VAL A 56 -3.04 5.97 6.43
N GLY A 57 -1.77 6.29 6.19
CA GLY A 57 -0.76 6.01 7.19
C GLY A 57 -1.03 6.73 8.49
N GLY A 58 -1.47 7.99 8.42
CA GLY A 58 -1.85 8.70 9.62
C GLY A 58 -3.05 8.08 10.29
N GLN A 59 -4.03 7.64 9.50
CA GLN A 59 -5.22 7.01 10.08
C GLN A 59 -4.87 5.69 10.74
N ARG A 60 -4.00 4.89 10.11
CA ARG A 60 -3.61 3.61 10.68
C ARG A 60 -2.86 3.82 11.99
N ALA A 61 -1.97 4.80 12.04
CA ALA A 61 -1.23 5.07 13.26
C ALA A 61 -2.17 5.49 14.38
N ALA A 62 -3.15 6.34 14.06
CA ALA A 62 -4.13 6.75 15.06
C ALA A 62 -4.98 5.58 15.52
N TRP A 63 -5.41 4.74 14.56
CA TRP A 63 -6.20 3.57 14.90
C TRP A 63 -5.46 2.64 15.84
N ARG A 64 -4.15 2.47 15.62
N ARG A 64 -4.16 2.45 15.60
CA ARG A 64 -3.37 1.57 16.48
CA ARG A 64 -3.37 1.57 16.47
C ARG A 64 -3.25 2.13 17.89
C ARG A 64 -3.28 2.14 17.89
N VAL A 65 -3.08 3.45 18.01
CA VAL A 65 -3.04 4.08 19.34
C VAL A 65 -4.36 3.83 20.06
N LEU A 66 -5.47 4.09 19.39
CA LEU A 66 -6.78 3.98 20.03
C LEU A 66 -7.13 2.52 20.32
N SER A 67 -6.76 1.61 19.42
N SER A 67 -6.75 1.61 19.42
CA SER A 67 -7.01 0.19 19.65
CA SER A 67 -7.03 0.20 19.67
C SER A 67 -6.25 -0.31 20.86
C SER A 67 -6.25 -0.31 20.87
N SER A 68 -5.01 0.16 21.05
CA SER A 68 -4.24 -0.24 22.21
C SER A 68 -4.87 0.26 23.49
N ILE A 69 -5.35 1.51 23.50
CA ILE A 69 -6.04 2.06 24.67
C ILE A 69 -7.30 1.25 24.95
N GLU A 70 -8.05 0.90 23.90
CA GLU A 70 -9.28 0.14 24.06
C GLU A 70 -9.00 -1.25 24.62
N GLN A 71 -7.96 -1.91 24.11
CA GLN A 71 -7.62 -3.24 24.59
C GLN A 71 -7.23 -3.20 26.07
N LYS A 72 -6.44 -2.20 26.47
CA LYS A 72 -6.07 -2.07 27.88
C LYS A 72 -7.28 -1.77 28.75
N SER A 73 -8.29 -1.08 28.19
N SER A 73 -8.29 -1.09 28.20
CA SER A 73 -9.50 -0.79 28.95
CA SER A 73 -9.49 -0.79 28.97
C SER A 73 -10.32 -2.03 29.23
C SER A 73 -10.34 -2.02 29.22
N ASN A 74 -10.15 -3.09 28.45
CA ASN A 74 -10.93 -4.32 28.60
C ASN A 74 -10.17 -5.43 29.32
N GLU A 75 -9.03 -5.12 29.93
CA GLU A 75 -8.33 -6.11 30.74
C GLU A 75 -8.90 -6.16 32.14
N GLU A 79 -10.66 0.07 35.15
CA GLU A 79 -11.86 0.87 35.43
C GLU A 79 -12.67 1.10 34.18
N GLU A 80 -14.00 0.97 34.29
CA GLU A 80 -14.88 1.23 33.15
C GLU A 80 -14.92 2.73 32.89
N LYS A 81 -14.56 3.13 31.68
CA LYS A 81 -14.50 4.53 31.30
C LYS A 81 -15.64 4.97 30.38
N GLY A 82 -16.59 4.08 30.11
CA GLY A 82 -17.69 4.40 29.23
C GLY A 82 -17.42 4.03 27.79
N PRO A 83 -18.31 4.44 26.89
CA PRO A 83 -18.20 4.02 25.49
C PRO A 83 -17.24 4.86 24.65
N GLU A 84 -16.59 5.88 25.22
CA GLU A 84 -15.92 6.89 24.41
C GLU A 84 -14.73 6.33 23.64
N VAL A 85 -13.92 5.48 24.25
CA VAL A 85 -12.75 4.95 23.55
C VAL A 85 -13.18 4.14 22.35
N ARG A 86 -14.14 3.23 22.55
CA ARG A 86 -14.66 2.44 21.44
C ARG A 86 -15.28 3.33 20.39
N GLU A 87 -16.07 4.32 20.80
CA GLU A 87 -16.71 5.21 19.84
C GLU A 87 -15.68 5.93 18.99
N TYR A 88 -14.63 6.44 19.61
CA TYR A 88 -13.66 7.21 18.86
C TYR A 88 -12.80 6.30 17.97
N ARG A 89 -12.41 5.13 18.48
CA ARG A 89 -11.76 4.14 17.62
C ARG A 89 -12.62 3.81 16.42
N GLU A 90 -13.93 3.63 16.62
N GLU A 90 -13.92 3.64 16.62
CA GLU A 90 -14.81 3.34 15.50
CA GLU A 90 -14.83 3.33 15.52
C GLU A 90 -14.88 4.49 14.52
C GLU A 90 -14.91 4.49 14.53
N LYS A 91 -14.87 5.73 15.03
CA LYS A 91 -14.89 6.89 14.14
C LYS A 91 -13.66 6.90 13.25
N VAL A 92 -12.48 6.74 13.84
CA VAL A 92 -11.25 6.71 13.04
C VAL A 92 -11.28 5.54 12.08
N GLU A 93 -11.76 4.38 12.54
CA GLU A 93 -11.83 3.19 11.70
C GLU A 93 -12.73 3.41 10.49
N THR A 94 -13.89 4.04 10.70
CA THR A 94 -14.81 4.28 9.58
C THR A 94 -14.19 5.24 8.57
N GLU A 95 -13.45 6.24 9.04
N GLU A 95 -13.50 6.27 9.05
CA GLU A 95 -12.81 7.18 8.12
CA GLU A 95 -12.81 7.17 8.15
C GLU A 95 -11.66 6.53 7.37
C GLU A 95 -11.76 6.43 7.33
N LEU A 96 -10.95 5.61 8.01
CA LEU A 96 -9.92 4.83 7.34
C LEU A 96 -10.54 3.93 6.27
N GLN A 97 -11.62 3.24 6.62
CA GLN A 97 -12.29 2.39 5.64
C GLN A 97 -12.80 3.20 4.47
N GLY A 98 -13.27 4.41 4.75
CA GLY A 98 -13.74 5.27 3.66
C GLY A 98 -12.63 5.63 2.69
N VAL A 99 -11.45 5.93 3.21
CA VAL A 99 -10.33 6.24 2.33
C VAL A 99 -9.93 5.00 1.52
N CYS A 100 -9.85 3.84 2.17
CA CYS A 100 -9.52 2.63 1.43
C CYS A 100 -10.55 2.35 0.34
N ASP A 101 -11.84 2.50 0.67
CA ASP A 101 -12.88 2.30 -0.33
C ASP A 101 -12.74 3.28 -1.49
N THR A 102 -12.35 4.52 -1.18
CA THR A 102 -12.15 5.50 -2.26
C THR A 102 -11.03 5.06 -3.19
N VAL A 103 -9.90 4.64 -2.63
CA VAL A 103 -8.78 4.21 -3.46
C VAL A 103 -9.18 3.00 -4.29
N LEU A 104 -9.79 2.00 -3.63
CA LEU A 104 -10.21 0.81 -4.35
C LEU A 104 -11.20 1.15 -5.45
N GLY A 105 -12.05 2.14 -5.20
CA GLY A 105 -13.00 2.56 -6.22
C GLY A 105 -12.32 3.20 -7.42
N LEU A 106 -11.28 3.99 -7.19
CA LEU A 106 -10.53 4.55 -8.32
C LEU A 106 -9.85 3.43 -9.11
N LEU A 107 -9.31 2.43 -8.42
CA LEU A 107 -8.66 1.33 -9.12
C LEU A 107 -9.66 0.55 -9.96
N ASP A 108 -10.87 0.36 -9.43
N ASP A 108 -10.87 0.35 -9.43
CA ASP A 108 -11.89 -0.41 -10.14
CA ASP A 108 -11.88 -0.42 -10.15
C ASP A 108 -12.62 0.40 -11.20
C ASP A 108 -12.60 0.40 -11.22
N SER A 109 -12.54 1.73 -11.15
CA SER A 109 -13.25 2.60 -12.09
C SER A 109 -12.35 3.77 -12.46
N HIS A 110 -11.41 3.58 -13.40
CA HIS A 110 -11.23 2.36 -14.20
C HIS A 110 -9.74 2.13 -14.42
N LEU A 111 -8.92 2.42 -13.41
CA LEU A 111 -7.48 2.40 -13.61
C LEU A 111 -6.97 1.02 -14.01
N ILE A 112 -7.40 -0.02 -13.30
CA ILE A 112 -6.86 -1.35 -13.55
C ILE A 112 -7.25 -1.83 -14.95
N LYS A 113 -8.52 -1.67 -15.32
CA LYS A 113 -8.95 -2.26 -16.58
C LYS A 113 -8.29 -1.58 -17.78
N GLU A 114 -7.88 -0.32 -17.65
CA GLU A 114 -7.20 0.35 -18.75
C GLU A 114 -5.70 0.17 -18.72
N ALA A 115 -5.15 -0.50 -17.70
CA ALA A 115 -3.71 -0.63 -17.53
C ALA A 115 -3.24 -1.90 -18.25
N GLY A 116 -2.57 -1.72 -19.38
CA GLY A 116 -2.11 -2.85 -20.18
C GLY A 116 -0.62 -3.11 -20.05
N ASP A 117 0.17 -2.09 -19.80
CA ASP A 117 1.60 -2.31 -19.64
C ASP A 117 1.88 -2.91 -18.28
N ALA A 118 2.94 -3.72 -18.20
CA ALA A 118 3.26 -4.39 -16.95
C ALA A 118 3.50 -3.40 -15.82
N GLU A 119 4.19 -2.29 -16.11
CA GLU A 119 4.52 -1.35 -15.04
C GLU A 119 3.26 -0.78 -14.42
N SER A 120 2.28 -0.41 -15.24
N SER A 120 2.29 -0.41 -15.26
CA SER A 120 1.08 0.20 -14.69
CA SER A 120 1.07 0.20 -14.73
C SER A 120 0.20 -0.84 -14.02
C SER A 120 0.19 -0.83 -14.03
N ARG A 121 0.02 -2.00 -14.65
CA ARG A 121 -0.86 -3.01 -14.09
C ARG A 121 -0.35 -3.53 -12.76
N VAL A 122 0.96 -3.81 -12.67
CA VAL A 122 1.55 -4.25 -11.41
C VAL A 122 1.39 -3.17 -10.34
N PHE A 123 1.67 -1.90 -10.71
CA PHE A 123 1.50 -0.80 -9.76
C PHE A 123 0.10 -0.78 -9.17
N TYR A 124 -0.92 -0.87 -10.02
CA TYR A 124 -2.29 -0.75 -9.53
C TYR A 124 -2.72 -1.98 -8.73
N LEU A 125 -2.26 -3.17 -9.14
CA LEU A 125 -2.61 -4.37 -8.40
C LEU A 125 -1.91 -4.40 -7.04
N LYS A 126 -0.67 -3.92 -6.97
CA LYS A 126 -0.02 -3.75 -5.67
C LYS A 126 -0.83 -2.81 -4.79
N MET A 127 -1.27 -1.68 -5.35
N MET A 127 -1.28 -1.70 -5.36
CA MET A 127 -2.11 -0.76 -4.60
CA MET A 127 -2.10 -0.77 -4.59
C MET A 127 -3.38 -1.45 -4.09
C MET A 127 -3.38 -1.43 -4.11
N LYS A 128 -4.03 -2.22 -4.97
CA LYS A 128 -5.24 -2.91 -4.58
C LYS A 128 -4.96 -3.87 -3.41
N GLY A 129 -3.87 -4.63 -3.48
CA GLY A 129 -3.49 -5.49 -2.37
C GLY A 129 -3.25 -4.69 -1.10
N ASP A 130 -2.53 -3.58 -1.21
CA ASP A 130 -2.23 -2.77 -0.03
C ASP A 130 -3.50 -2.25 0.64
N TYR A 131 -4.46 -1.73 -0.15
CA TYR A 131 -5.64 -1.12 0.47
C TYR A 131 -6.59 -2.19 1.01
N TYR A 132 -6.67 -3.36 0.39
CA TYR A 132 -7.37 -4.45 1.04
C TYR A 132 -6.64 -4.90 2.31
N ARG A 133 -5.30 -4.85 2.32
CA ARG A 133 -4.55 -5.20 3.53
C ARG A 133 -4.88 -4.23 4.66
N TYR A 134 -4.97 -2.93 4.34
CA TYR A 134 -5.34 -1.96 5.38
C TYR A 134 -6.76 -2.21 5.88
N LEU A 135 -7.69 -2.56 4.99
CA LEU A 135 -9.02 -2.96 5.45
C LEU A 135 -8.93 -4.20 6.34
N ALA A 136 -8.06 -5.15 5.99
CA ALA A 136 -7.94 -6.38 6.78
C ALA A 136 -7.41 -6.10 8.17
N GLU A 137 -6.55 -5.08 8.30
CA GLU A 137 -5.96 -4.76 9.60
C GLU A 137 -7.03 -4.41 10.63
N VAL A 138 -8.16 -3.87 10.21
CA VAL A 138 -9.22 -3.43 11.11
C VAL A 138 -10.45 -4.31 11.05
N ALA A 139 -10.46 -5.32 10.19
CA ALA A 139 -11.65 -6.12 9.98
C ALA A 139 -11.82 -7.17 11.08
N THR A 140 -13.09 -7.44 11.41
CA THR A 140 -13.44 -8.44 12.41
C THR A 140 -14.61 -9.30 11.95
N GLY A 141 -15.60 -8.69 11.28
CA GLY A 141 -16.88 -9.31 11.01
C GLY A 141 -16.93 -10.41 9.96
N ASP A 142 -18.09 -10.54 9.31
CA ASP A 142 -18.36 -11.68 8.43
C ASP A 142 -17.53 -11.65 7.16
N ASP A 143 -17.04 -10.49 6.75
CA ASP A 143 -16.35 -10.35 5.48
C ASP A 143 -14.83 -10.42 5.62
N LYS A 144 -14.30 -10.64 6.82
CA LYS A 144 -12.87 -10.51 7.04
C LYS A 144 -12.07 -11.52 6.21
N LYS A 145 -12.53 -12.77 6.14
CA LYS A 145 -11.84 -13.73 5.30
C LYS A 145 -11.89 -13.31 3.84
N ARG A 146 -13.02 -12.76 3.39
CA ARG A 146 -13.09 -12.31 2.00
C ARG A 146 -12.20 -11.09 1.77
N ILE A 147 -12.06 -10.21 2.76
CA ILE A 147 -11.16 -9.06 2.61
C ILE A 147 -9.71 -9.54 2.47
N ILE A 148 -9.32 -10.47 3.34
CA ILE A 148 -7.98 -11.04 3.26
C ILE A 148 -7.76 -11.70 1.91
N ASP A 149 -8.75 -12.45 1.43
CA ASP A 149 -8.55 -13.12 0.14
C ASP A 149 -8.49 -12.13 -0.99
N SER A 150 -9.21 -11.01 -0.89
CA SER A 150 -9.11 -9.98 -1.92
C SER A 150 -7.72 -9.39 -1.98
N ALA A 151 -7.11 -9.13 -0.82
CA ALA A 151 -5.73 -8.66 -0.81
C ALA A 151 -4.80 -9.69 -1.43
N ARG A 152 -4.94 -10.94 -1.01
CA ARG A 152 -4.09 -12.01 -1.53
CA ARG A 152 -4.08 -12.01 -1.53
C ARG A 152 -4.20 -12.12 -3.05
N SER A 153 -5.43 -12.10 -3.55
CA SER A 153 -5.66 -12.28 -4.99
CA SER A 153 -5.65 -12.28 -4.98
C SER A 153 -5.02 -11.16 -5.79
N ALA A 154 -5.14 -9.91 -5.32
CA ALA A 154 -4.53 -8.79 -6.02
C ALA A 154 -3.02 -8.89 -6.00
N TYR A 155 -2.44 -9.16 -4.83
CA TYR A 155 -0.99 -9.32 -4.76
C TYR A 155 -0.52 -10.45 -5.64
N GLN A 156 -1.25 -11.57 -5.66
CA GLN A 156 -0.82 -12.73 -6.45
C GLN A 156 -0.83 -12.43 -7.93
N GLU A 157 -1.88 -11.76 -8.42
CA GLU A 157 -1.88 -11.39 -9.83
C GLU A 157 -0.73 -10.45 -10.16
N ALA A 158 -0.46 -9.49 -9.29
CA ALA A 158 0.66 -8.59 -9.50
C ALA A 158 1.98 -9.36 -9.52
N MET A 159 2.13 -10.32 -8.60
N MET A 159 2.12 -10.32 -8.61
CA MET A 159 3.36 -11.11 -8.57
CA MET A 159 3.35 -11.12 -8.56
C MET A 159 3.53 -11.88 -9.86
C MET A 159 3.54 -11.93 -9.83
N ASP A 160 2.45 -12.51 -10.34
CA ASP A 160 2.55 -13.33 -11.54
C ASP A 160 3.00 -12.48 -12.72
N ILE A 161 2.43 -11.28 -12.87
CA ILE A 161 2.83 -10.41 -13.96
C ILE A 161 4.27 -9.96 -13.78
N SER A 162 4.64 -9.57 -12.56
CA SER A 162 5.97 -9.01 -12.32
C SER A 162 7.06 -10.04 -12.59
N LYS A 163 6.80 -11.31 -12.26
CA LYS A 163 7.79 -12.34 -12.50
C LYS A 163 7.96 -12.62 -13.98
N LYS A 164 6.88 -12.48 -14.76
CA LYS A 164 6.97 -12.74 -16.19
C LYS A 164 7.55 -11.55 -16.96
N GLU A 165 7.28 -10.32 -16.51
CA GLU A 165 7.51 -9.15 -17.34
C GLU A 165 8.59 -8.21 -16.83
N MET A 166 9.10 -8.38 -15.61
CA MET A 166 10.06 -7.42 -15.07
C MET A 166 11.29 -8.14 -14.57
N PRO A 167 12.45 -7.47 -14.60
CA PRO A 167 13.64 -8.03 -13.98
C PRO A 167 13.49 -8.06 -12.47
N PRO A 168 14.24 -8.93 -11.79
CA PRO A 168 14.08 -9.08 -10.34
C PRO A 168 14.49 -7.85 -9.54
N THR A 169 15.19 -6.89 -10.15
CA THR A 169 15.57 -5.67 -9.46
C THR A 169 14.60 -4.52 -9.68
N ASN A 170 13.57 -4.69 -10.49
CA ASN A 170 12.66 -3.60 -10.77
C ASN A 170 12.04 -3.08 -9.47
N PRO A 171 12.11 -1.77 -9.19
CA PRO A 171 11.61 -1.29 -7.89
C PRO A 171 10.17 -1.65 -7.57
N ILE A 172 9.26 -1.60 -8.54
CA ILE A 172 7.88 -1.96 -8.24
C ILE A 172 7.76 -3.45 -7.93
N ARG A 173 8.52 -4.29 -8.65
CA ARG A 173 8.52 -5.72 -8.34
C ARG A 173 9.03 -5.96 -6.93
N LEU A 174 10.09 -5.25 -6.54
CA LEU A 174 10.65 -5.41 -5.19
C LEU A 174 9.67 -4.93 -4.12
N GLY A 175 9.08 -3.74 -4.33
CA GLY A 175 8.14 -3.23 -3.34
C GLY A 175 6.90 -4.10 -3.22
N LEU A 176 6.41 -4.62 -4.35
CA LEU A 176 5.30 -5.57 -4.30
C LEU A 176 5.65 -6.79 -3.47
N ALA A 177 6.82 -7.39 -3.72
CA ALA A 177 7.22 -8.57 -2.95
C ALA A 177 7.37 -8.23 -1.47
N LEU A 178 7.96 -7.08 -1.18
CA LEU A 178 8.07 -6.62 0.21
C LEU A 178 6.69 -6.55 0.88
N ASN A 179 5.73 -5.91 0.21
CA ASN A 179 4.41 -5.73 0.83
C ASN A 179 3.66 -7.04 0.90
N PHE A 180 3.78 -7.90 -0.11
CA PHE A 180 3.13 -9.20 -0.03
C PHE A 180 3.73 -10.02 1.11
N SER A 181 5.03 -9.90 1.33
CA SER A 181 5.66 -10.60 2.45
CA SER A 181 5.64 -10.61 2.45
C SER A 181 5.10 -10.09 3.78
N VAL A 182 4.91 -8.78 3.90
CA VAL A 182 4.28 -8.22 5.09
C VAL A 182 2.86 -8.76 5.26
N PHE A 183 2.09 -8.79 4.16
CA PHE A 183 0.77 -9.43 4.18
C PHE A 183 0.85 -10.83 4.76
N HIS A 184 1.77 -11.67 4.26
CA HIS A 184 1.87 -13.03 4.77
C HIS A 184 2.14 -13.03 6.26
N TYR A 185 3.05 -12.18 6.73
CA TYR A 185 3.47 -12.20 8.12
C TYR A 185 2.39 -11.67 9.05
N GLU A 186 1.82 -10.51 8.71
CA GLU A 186 0.96 -9.76 9.63
C GLU A 186 -0.52 -10.08 9.46
N ILE A 187 -0.95 -10.49 8.27
CA ILE A 187 -2.36 -10.64 7.96
C ILE A 187 -2.74 -12.10 7.86
N ALA A 188 -1.98 -12.87 7.07
CA ALA A 188 -2.33 -14.24 6.76
C ALA A 188 -1.76 -15.24 7.77
N ASN A 189 -1.06 -14.77 8.81
CA ASN A 189 -0.49 -15.67 9.81
C ASN A 189 0.39 -16.73 9.17
N SER A 190 1.20 -16.32 8.19
CA SER A 190 2.07 -17.22 7.44
C SER A 190 3.50 -16.69 7.50
N PRO A 191 4.11 -16.67 8.69
CA PRO A 191 5.47 -16.11 8.78
C PRO A 191 6.50 -16.86 7.95
N GLU A 192 6.38 -18.18 7.80
CA GLU A 192 7.33 -18.90 6.97
C GLU A 192 7.23 -18.48 5.50
N GLU A 193 6.01 -18.29 5.00
CA GLU A 193 5.84 -17.80 3.64
C GLU A 193 6.42 -16.40 3.48
N ALA A 194 6.23 -15.56 4.50
CA ALA A 194 6.77 -14.20 4.47
C ALA A 194 8.29 -14.23 4.40
N ILE A 195 8.92 -15.07 5.22
CA ILE A 195 10.37 -15.16 5.25
C ILE A 195 10.89 -15.73 3.93
N SER A 196 10.26 -16.78 3.42
CA SER A 196 10.70 -17.37 2.16
CA SER A 196 10.70 -17.37 2.16
C SER A 196 10.60 -16.38 1.01
N LEU A 197 9.48 -15.65 0.93
CA LEU A 197 9.33 -14.67 -0.13
C LEU A 197 10.37 -13.57 -0.03
N ALA A 198 10.60 -13.06 1.18
CA ALA A 198 11.58 -11.99 1.33
C ALA A 198 12.98 -12.46 0.96
N LYS A 199 13.35 -13.68 1.37
CA LYS A 199 14.68 -14.20 1.08
C LYS A 199 14.87 -14.43 -0.42
N THR A 200 13.94 -15.09 -1.07
CA THR A 200 14.07 -15.35 -2.50
CA THR A 200 14.11 -15.34 -2.50
C THR A 200 14.08 -14.05 -3.30
N THR A 201 13.24 -13.09 -2.91
CA THR A 201 13.24 -11.80 -3.58
C THR A 201 14.58 -11.12 -3.44
N PHE A 202 15.12 -11.09 -2.22
CA PHE A 202 16.41 -10.44 -1.99
C PHE A 202 17.51 -11.11 -2.80
N ASP A 203 17.55 -12.44 -2.78
CA ASP A 203 18.64 -13.15 -3.44
C ASP A 203 18.57 -13.00 -4.95
N GLU A 204 17.37 -13.06 -5.52
CA GLU A 204 17.25 -12.92 -6.96
C GLU A 204 17.56 -11.50 -7.41
N ALA A 205 17.25 -10.50 -6.59
CA ALA A 205 17.64 -9.13 -6.91
C ALA A 205 19.15 -8.96 -6.84
N MET A 206 19.77 -9.52 -5.79
N MET A 206 19.78 -9.53 -5.81
CA MET A 206 21.22 -9.44 -5.64
CA MET A 206 21.23 -9.40 -5.67
C MET A 206 21.93 -9.90 -6.91
C MET A 206 21.95 -9.91 -6.90
N ALA A 207 21.49 -11.03 -7.46
CA ALA A 207 22.12 -11.63 -8.62
C ALA A 207 21.91 -10.83 -9.90
N ASP A 208 21.00 -9.86 -9.90
CA ASP A 208 20.70 -9.05 -11.07
C ASP A 208 21.27 -7.63 -10.96
N LEU A 209 21.87 -7.27 -9.82
CA LEU A 209 22.37 -5.91 -9.65
C LEU A 209 23.45 -5.58 -10.68
N HIS A 210 24.20 -6.58 -11.14
CA HIS A 210 25.32 -6.33 -12.05
C HIS A 210 24.86 -5.71 -13.36
N THR A 211 23.58 -5.82 -13.70
CA THR A 211 23.08 -5.28 -14.96
C THR A 211 22.72 -3.81 -14.89
N LEU A 212 22.77 -3.20 -13.72
CA LEU A 212 22.17 -1.89 -13.48
C LEU A 212 23.18 -0.76 -13.53
N SER A 213 22.68 0.41 -13.93
CA SER A 213 23.40 1.67 -13.77
C SER A 213 23.51 2.01 -12.28
N GLU A 214 24.34 3.02 -11.99
CA GLU A 214 24.53 3.43 -10.59
C GLU A 214 23.22 3.93 -9.99
N ASP A 215 22.41 4.67 -10.77
CA ASP A 215 21.16 5.20 -10.23
C ASP A 215 20.14 4.08 -10.00
N SER A 216 20.02 3.14 -10.94
CA SER A 216 19.12 2.02 -10.74
C SER A 216 19.57 1.14 -9.58
N TYR A 217 20.89 0.95 -9.46
CA TYR A 217 21.44 0.19 -8.35
C TYR A 217 21.04 0.80 -7.02
N LYS A 218 21.08 2.13 -6.92
CA LYS A 218 20.67 2.79 -5.69
C LYS A 218 19.19 2.53 -5.39
N ASP A 219 18.34 2.65 -6.42
CA ASP A 219 16.91 2.42 -6.23
C ASP A 219 16.65 1.00 -5.72
N SER A 220 17.27 0.01 -6.37
CA SER A 220 16.99 -1.38 -6.03
C SER A 220 17.55 -1.74 -4.66
N THR A 221 18.78 -1.31 -4.36
CA THR A 221 19.38 -1.68 -3.08
C THR A 221 18.64 -1.05 -1.91
N LEU A 222 18.04 0.12 -2.10
CA LEU A 222 17.26 0.73 -1.04
C LEU A 222 16.10 -0.17 -0.62
N ILE A 223 15.39 -0.75 -1.59
CA ILE A 223 14.28 -1.63 -1.26
C ILE A 223 14.76 -2.96 -0.76
N MET A 224 15.87 -3.47 -1.31
CA MET A 224 16.45 -4.68 -0.77
C MET A 224 16.77 -4.54 0.70
N GLN A 225 17.19 -3.36 1.13
CA GLN A 225 17.50 -3.16 2.55
C GLN A 225 16.25 -3.30 3.41
N LEU A 226 15.08 -2.86 2.92
CA LEU A 226 13.85 -3.08 3.65
C LEU A 226 13.54 -4.56 3.79
N LEU A 227 13.75 -5.34 2.72
CA LEU A 227 13.59 -6.79 2.82
C LEU A 227 14.52 -7.35 3.88
N ARG A 228 15.78 -6.91 3.88
N ARG A 228 15.78 -6.91 3.87
CA ARG A 228 16.73 -7.41 4.86
CA ARG A 228 16.75 -7.39 4.86
C ARG A 228 16.34 -6.99 6.28
C ARG A 228 16.33 -6.99 6.27
N ASP A 229 15.83 -5.76 6.44
CA ASP A 229 15.38 -5.32 7.75
C ASP A 229 14.29 -6.23 8.29
N ASN A 230 13.34 -6.64 7.44
CA ASN A 230 12.30 -7.53 7.90
C ASN A 230 12.86 -8.92 8.20
N LEU A 231 13.76 -9.42 7.36
CA LEU A 231 14.35 -10.73 7.65
C LEU A 231 15.09 -10.72 8.99
N THR A 232 15.76 -9.63 9.30
CA THR A 232 16.46 -9.52 10.58
C THR A 232 15.47 -9.49 11.74
N LEU A 233 14.33 -8.82 11.55
CA LEU A 233 13.31 -8.76 12.58
C LEU A 233 12.64 -10.13 12.78
N TRP A 234 12.47 -10.90 11.70
CA TRP A 234 11.67 -12.11 11.71
C TRP A 234 12.48 -13.37 11.99
N THR A 235 13.81 -13.31 11.93
CA THR A 235 14.64 -14.49 12.11
C THR A 235 15.72 -14.27 13.16
N ARG B 9 6.55 -4.32 14.45
CA ARG B 9 5.95 -4.18 13.13
C ARG B 9 7.00 -4.08 12.05
N PRO B 10 6.96 -4.98 11.08
CA PRO B 10 7.90 -4.92 9.96
C PRO B 10 7.64 -3.72 9.05
N SER B 11 8.56 -3.53 8.12
CA SER B 11 8.51 -2.42 7.17
C SER B 11 7.82 -2.86 5.89
N SEP B 12 6.75 -2.18 5.53
CA SEP B 12 6.26 -2.28 4.16
CB SEP B 12 4.75 -2.06 4.10
OG SEP B 12 4.46 -0.80 4.67
C SEP B 12 6.99 -1.19 3.40
O SEP B 12 7.78 -0.45 3.97
P SEP B 12 2.90 -0.51 4.89
O1P SEP B 12 2.31 -1.52 5.96
O2P SEP B 12 2.81 0.99 5.40
O3P SEP B 12 2.15 -0.63 3.49
N TRP B 13 6.73 -1.10 2.10
CA TRP B 13 7.47 -0.15 1.31
C TRP B 13 7.22 1.27 1.80
N ARG B 14 8.29 2.05 1.84
CA ARG B 14 8.21 3.46 2.20
C ARG B 14 9.26 4.22 1.40
N GLN B 15 8.96 5.48 1.09
CA GLN B 15 9.86 6.32 0.32
C GLN B 15 11.19 6.50 1.04
C01 SGH C . 5.38 0.27 -4.05
C02 SGH C . 6.58 1.02 -4.60
C03 SGH C . 7.81 0.39 -4.64
C04 SGH C . 8.91 1.06 -5.14
C05 SGH C . 8.78 2.36 -5.62
C07 SGH C . 10.22 3.44 -7.38
C08 SGH C . 9.26 3.45 -8.57
C09 SGH C . 9.23 4.56 -9.41
C10 SGH C . 8.38 4.58 -10.49
C11 SGH C . 7.55 3.50 -10.75
C12 SGH C . 7.57 2.40 -9.92
C13 SGH C . 8.43 2.37 -8.83
C15 SGH C . 12.02 3.76 -6.23
C16 SGH C . 11.08 3.16 -5.43
C17 SGH C . 7.54 2.99 -5.59
C18 SGH C . 6.43 2.32 -5.08
C19 SGH C . 5.06 3.00 -5.05
F20 SGH C . 4.15 2.30 -5.78
F21 SGH C . 5.16 4.25 -5.59
F22 SGH C . 4.56 3.14 -3.79
N06 SGH C . 9.99 2.98 -6.14
N14 SGH C . 11.48 3.92 -7.43
CA CA D . -4.04 1.29 -21.61
CA CA E . -16.79 8.21 29.94
CL CL F . -6.62 25.42 -5.18
#